data_6QDD
#
_entry.id   6QDD
#
_cell.length_a   48.154
_cell.length_b   90.849
_cell.length_c   53.263
_cell.angle_alpha   90.00
_cell.angle_beta   112.79
_cell.angle_gamma   90.00
#
_symmetry.space_group_name_H-M   'P 1 21 1'
#
loop_
_entity.id
_entity.type
_entity.pdbx_description
1 polymer 'Glycylpeptide N-tetradecanoyltransferase'
2 non-polymer TETRADECANOYL-COA
3 non-polymer 'DIMETHYL SULFOXIDE'
4 non-polymer 'MAGNESIUM ION'
5 non-polymer 2-[(2~{S})-1-[2-[methyl-(1-methylpiperidin-4-yl)amino]thieno[3,2-d]pyrimidin-4-yl]-2,3-dihydropyrrol-2-yl]ethanenitrile
6 water water
#
_entity_poly.entity_id   1
_entity_poly.type   'polypeptide(L)'
_entity_poly.pdbx_seq_one_letter_code
;MSRNPSNSDAAHAFWSTQPVPQTEDETEKIVFAGPMDEPKTVADIPEEPYPIASTFEWWTPNMEAADDIHAIYELLRDNY
VEDDDSMFRFNYSEEFLQWALCPPNYIPDWHVAVRRKADKKLLAFIAGVPVTLRMGTPKYMKVKAQEKGEGEEAAKYDEP
RHICEINFLCVHKQLREKRLAPILIKEATRRVNRTNVWQAVYTAGVLLPTPYASGQYFHRSLNPEKLVEIRFSGIPAQYQ
KFQNPMAMLKRNYQLPSAPKNSGLREMKPSDVPQVRRILMNYLDSFDVGPVFSDAEISHYLLPRDGVVFTYVVENDKKVT
DFFSFYRIPSTVIGNSNYNLLNAAYVHYYAATSIPLHQLILDLLIVAHSRGFDVCNMVEILDNRSFVEQLKFGAGDGHLR
YYFYNWAYPKIKPSQVALVML
;
_entity_poly.pdbx_strand_id   A
#
loop_
_chem_comp.id
_chem_comp.type
_chem_comp.name
_chem_comp.formula
DMS non-polymer 'DIMETHYL SULFOXIDE' 'C2 H6 O S'
HXW non-polymer 2-[(2~{S})-1-[2-[methyl-(1-methylpiperidin-4-yl)amino]thieno[3,2-d]pyrimidin-4-yl]-2,3-dihydropyrrol-2-yl]ethanenitrile 'C19 H24 N6 S'
MG non-polymer 'MAGNESIUM ION' 'Mg 2'
MYA non-polymer TETRADECANOYL-COA 'C35 H62 N7 O17 P3 S'
#
# COMPACT_ATOMS: atom_id res chain seq x y z
N ALA A 11 2.60 -13.44 -25.35
CA ALA A 11 1.69 -12.49 -24.63
C ALA A 11 2.48 -11.60 -23.67
N HIS A 12 3.31 -12.15 -22.76
CA HIS A 12 4.11 -11.30 -21.90
C HIS A 12 5.61 -11.46 -22.14
N ALA A 13 6.18 -10.61 -23.01
CA ALA A 13 7.57 -10.82 -23.43
C ALA A 13 8.52 -10.57 -22.29
N PHE A 14 8.12 -9.75 -21.30
CA PHE A 14 8.99 -9.57 -20.16
C PHE A 14 8.64 -10.53 -19.04
N TRP A 15 7.36 -10.56 -18.58
CA TRP A 15 7.03 -11.35 -17.41
C TRP A 15 7.18 -12.86 -17.60
N SER A 16 7.16 -13.34 -18.86
CA SER A 16 7.46 -14.74 -19.11
C SER A 16 8.92 -15.12 -18.82
N THR A 17 9.83 -14.14 -18.70
CA THR A 17 11.25 -14.45 -18.51
C THR A 17 11.58 -14.41 -17.01
N GLN A 18 10.57 -14.10 -16.19
CA GLN A 18 10.84 -13.76 -14.79
C GLN A 18 10.40 -14.87 -13.85
N PRO A 19 11.01 -14.98 -12.66
CA PRO A 19 10.57 -16.00 -11.69
C PRO A 19 9.31 -15.64 -10.91
N VAL A 20 8.18 -15.66 -11.63
CA VAL A 20 6.86 -15.47 -11.06
C VAL A 20 5.95 -16.57 -11.59
N PRO A 21 4.84 -16.91 -10.90
CA PRO A 21 3.87 -17.87 -11.42
C PRO A 21 3.29 -17.34 -12.74
N GLN A 22 3.20 -18.24 -13.74
CA GLN A 22 2.93 -17.85 -15.11
C GLN A 22 1.42 -17.87 -15.42
N THR A 23 0.64 -18.61 -14.60
CA THR A 23 -0.79 -18.72 -14.82
C THR A 23 -1.57 -18.87 -13.50
N GLU A 24 -2.87 -18.62 -13.57
CA GLU A 24 -3.77 -18.73 -12.43
C GLU A 24 -3.76 -20.17 -11.92
N ASP A 25 -3.79 -21.13 -12.85
CA ASP A 25 -3.77 -22.54 -12.48
C ASP A 25 -2.57 -22.82 -11.58
N GLU A 26 -1.39 -22.41 -12.05
CA GLU A 26 -0.13 -22.65 -11.38
C GLU A 26 -0.27 -22.24 -9.91
N THR A 27 -0.78 -21.02 -9.68
CA THR A 27 -1.01 -20.44 -8.36
C THR A 27 -2.02 -21.28 -7.56
N GLU A 28 -2.99 -21.88 -8.26
CA GLU A 28 -4.01 -22.64 -7.55
C GLU A 28 -3.51 -24.03 -7.15
N LYS A 29 -2.43 -24.49 -7.79
CA LYS A 29 -1.81 -25.79 -7.51
C LYS A 29 -0.84 -25.71 -6.33
N ILE A 30 -0.18 -24.55 -6.16
CA ILE A 30 0.88 -24.35 -5.17
C ILE A 30 0.35 -24.67 -3.78
N VAL A 31 1.17 -25.40 -3.02
CA VAL A 31 0.76 -25.81 -1.69
C VAL A 31 1.70 -25.18 -0.65
N PHE A 32 3.01 -25.12 -0.93
CA PHE A 32 3.94 -24.67 0.08
C PHE A 32 4.57 -23.35 -0.37
N ALA A 33 4.88 -22.49 0.60
CA ALA A 33 5.65 -21.30 0.28
C ALA A 33 7.09 -21.69 0.03
N GLY A 34 7.73 -21.00 -0.90
CA GLY A 34 9.16 -21.09 -1.04
C GLY A 34 9.64 -20.42 -2.31
N PRO A 35 10.95 -20.38 -2.57
CA PRO A 35 11.51 -19.68 -3.73
C PRO A 35 11.15 -20.37 -5.04
N MET A 36 11.19 -19.61 -6.13
CA MET A 36 10.95 -20.20 -7.43
C MET A 36 12.27 -20.53 -8.11
N ASP A 37 13.20 -19.56 -8.14
CA ASP A 37 14.47 -19.63 -8.87
C ASP A 37 15.50 -20.45 -8.11
N GLU A 38 16.60 -20.78 -8.80
CA GLU A 38 17.75 -21.48 -8.23
C GLU A 38 18.44 -20.61 -7.18
N PRO A 39 18.98 -21.17 -6.06
CA PRO A 39 19.79 -20.37 -5.15
C PRO A 39 20.93 -19.70 -5.90
N LYS A 40 21.14 -18.42 -5.61
CA LYS A 40 22.24 -17.65 -6.18
CA LYS A 40 22.23 -17.65 -6.18
C LYS A 40 22.95 -16.93 -5.04
N THR A 41 24.19 -16.52 -5.27
CA THR A 41 24.87 -15.67 -4.31
C THR A 41 25.01 -14.30 -4.93
N VAL A 42 25.39 -13.33 -4.09
CA VAL A 42 25.72 -11.98 -4.49
C VAL A 42 26.81 -12.05 -5.57
N ALA A 43 27.77 -12.98 -5.41
CA ALA A 43 28.88 -13.09 -6.36
C ALA A 43 28.41 -13.40 -7.78
N ASP A 44 27.29 -14.14 -7.92
CA ASP A 44 26.74 -14.50 -9.23
C ASP A 44 26.17 -13.27 -9.95
N ILE A 45 25.79 -12.25 -9.18
CA ILE A 45 25.07 -11.13 -9.77
C ILE A 45 26.02 -10.12 -10.39
N PRO A 46 25.75 -9.63 -11.63
CA PRO A 46 26.60 -8.63 -12.28
C PRO A 46 26.88 -7.38 -11.43
N GLU A 47 28.14 -6.98 -11.40
CA GLU A 47 28.45 -5.84 -10.57
C GLU A 47 28.12 -4.53 -11.27
N GLU A 48 27.98 -4.56 -12.61
CA GLU A 48 27.80 -3.33 -13.36
C GLU A 48 26.32 -3.11 -13.65
N PRO A 49 25.83 -1.84 -13.70
CA PRO A 49 24.41 -1.58 -13.99
C PRO A 49 23.99 -2.27 -15.27
N TYR A 50 22.72 -2.59 -15.33
CA TYR A 50 22.18 -3.15 -16.56
C TYR A 50 22.41 -2.17 -17.71
N PRO A 51 22.77 -2.65 -18.93
CA PRO A 51 23.00 -1.72 -20.04
C PRO A 51 21.75 -0.88 -20.33
N ILE A 52 21.98 0.38 -20.70
CA ILE A 52 20.90 1.28 -21.06
C ILE A 52 21.39 2.12 -22.23
N ALA A 53 20.45 2.64 -23.03
CA ALA A 53 20.76 3.44 -24.20
C ALA A 53 21.67 4.59 -23.84
N SER A 54 22.57 4.93 -24.77
CA SER A 54 23.64 5.90 -24.51
C SER A 54 23.09 7.30 -24.18
N THR A 55 21.84 7.60 -24.58
CA THR A 55 21.23 8.90 -24.32
C THR A 55 20.70 9.02 -22.89
N PHE A 56 20.55 7.87 -22.21
CA PHE A 56 20.07 7.84 -20.84
C PHE A 56 21.18 7.48 -19.87
N GLU A 57 20.93 7.66 -18.58
CA GLU A 57 21.83 7.23 -17.52
C GLU A 57 21.01 6.87 -16.29
N TRP A 58 21.52 5.88 -15.55
CA TRP A 58 21.06 5.54 -14.22
C TRP A 58 21.37 6.65 -13.23
N TRP A 59 20.40 6.92 -12.34
CA TRP A 59 20.56 7.90 -11.28
C TRP A 59 20.00 7.33 -9.98
N THR A 60 20.76 7.44 -8.88
CA THR A 60 20.30 7.08 -7.55
C THR A 60 19.97 8.38 -6.83
N PRO A 61 18.69 8.75 -6.65
CA PRO A 61 18.36 10.02 -5.98
C PRO A 61 18.73 9.91 -4.52
N ASN A 62 19.11 11.06 -3.93
CA ASN A 62 19.28 11.16 -2.50
C ASN A 62 17.97 11.63 -1.90
N MET A 63 17.36 10.75 -1.09
CA MET A 63 16.04 11.02 -0.52
C MET A 63 16.14 11.99 0.66
N GLU A 64 17.36 12.28 1.09
CA GLU A 64 17.51 13.25 2.17
C GLU A 64 17.94 14.59 1.57
N ALA A 65 17.79 14.70 0.23
CA ALA A 65 17.94 15.96 -0.48
C ALA A 65 16.56 16.41 -0.94
N ALA A 66 16.11 17.54 -0.37
CA ALA A 66 14.82 18.15 -0.72
C ALA A 66 14.66 18.27 -2.24
N ASP A 67 15.75 18.58 -2.98
CA ASP A 67 15.63 18.84 -4.39
CA ASP A 67 15.58 18.83 -4.40
C ASP A 67 15.40 17.54 -5.19
N ASP A 68 16.01 16.44 -4.71
CA ASP A 68 15.90 15.13 -5.34
C ASP A 68 14.48 14.64 -5.12
N ILE A 69 13.98 14.78 -3.89
CA ILE A 69 12.58 14.47 -3.57
CA ILE A 69 12.58 14.49 -3.56
C ILE A 69 11.68 15.26 -4.53
N HIS A 70 11.93 16.56 -4.69
CA HIS A 70 11.16 17.39 -5.61
C HIS A 70 11.10 16.84 -7.02
N ALA A 71 12.23 16.40 -7.59
CA ALA A 71 12.26 15.89 -8.95
C ALA A 71 11.40 14.63 -9.08
N ILE A 72 11.49 13.74 -8.08
CA ILE A 72 10.66 12.55 -8.04
C ILE A 72 9.18 12.96 -7.95
N TYR A 73 8.89 13.90 -7.06
CA TYR A 73 7.54 14.39 -6.84
C TYR A 73 6.94 14.86 -8.18
N GLU A 74 7.69 15.64 -8.97
CA GLU A 74 7.11 16.18 -10.19
CA GLU A 74 7.15 16.20 -10.21
C GLU A 74 6.89 15.09 -11.24
N LEU A 75 7.81 14.12 -11.30
CA LEU A 75 7.63 13.00 -12.22
C LEU A 75 6.31 12.33 -11.87
N LEU A 76 6.11 12.07 -10.58
CA LEU A 76 4.93 11.30 -10.22
C LEU A 76 3.68 12.17 -10.34
N ARG A 77 3.76 13.44 -9.95
CA ARG A 77 2.62 14.34 -10.11
C ARG A 77 2.06 14.33 -11.52
N ASP A 78 2.96 14.37 -12.51
CA ASP A 78 2.52 14.50 -13.89
C ASP A 78 2.36 13.18 -14.62
N ASN A 79 2.87 12.06 -14.06
CA ASN A 79 2.99 10.85 -14.87
C ASN A 79 2.56 9.58 -14.11
N TYR A 80 2.18 9.70 -12.83
CA TYR A 80 1.84 8.49 -12.09
C TYR A 80 0.40 8.03 -12.36
N VAL A 81 -0.12 7.10 -11.53
CA VAL A 81 -1.36 6.38 -11.79
C VAL A 81 -2.56 7.35 -11.94
N GLU A 82 -3.35 7.15 -12.99
CA GLU A 82 -4.63 7.84 -13.09
C GLU A 82 -5.73 6.79 -12.98
N ASP A 83 -6.95 7.27 -12.75
CA ASP A 83 -8.11 6.39 -12.87
C ASP A 83 -8.35 6.06 -14.34
N ASP A 84 -9.35 5.23 -14.61
CA ASP A 84 -9.47 4.78 -15.99
C ASP A 84 -10.05 5.89 -16.87
N ASP A 85 -10.73 6.90 -16.29
CA ASP A 85 -11.36 7.96 -17.08
C ASP A 85 -10.44 9.18 -17.20
N SER A 86 -9.21 9.07 -16.68
CA SER A 86 -8.28 10.20 -16.73
C SER A 86 -8.92 11.43 -16.10
N MET A 87 -9.64 11.23 -14.99
CA MET A 87 -10.22 12.31 -14.24
C MET A 87 -9.34 12.68 -13.04
N PHE A 88 -8.59 11.68 -12.52
CA PHE A 88 -7.82 11.91 -11.32
C PHE A 88 -6.43 11.29 -11.49
N ARG A 89 -5.42 12.01 -11.02
CA ARG A 89 -4.07 11.44 -10.98
C ARG A 89 -3.55 11.59 -9.56
N PHE A 90 -3.00 10.51 -8.96
CA PHE A 90 -2.44 10.67 -7.64
C PHE A 90 -1.39 11.77 -7.60
N ASN A 91 -1.35 12.46 -6.46
CA ASN A 91 -0.42 13.55 -6.23
C ASN A 91 0.22 13.35 -4.85
N TYR A 92 0.93 12.23 -4.69
CA TYR A 92 1.64 12.02 -3.44
C TYR A 92 2.53 13.24 -3.15
N SER A 93 2.49 13.72 -1.92
CA SER A 93 3.25 14.93 -1.58
C SER A 93 4.73 14.60 -1.43
N GLU A 94 5.57 15.66 -1.46
CA GLU A 94 6.99 15.47 -1.16
C GLU A 94 7.22 14.93 0.26
N GLU A 95 6.44 15.38 1.25
CA GLU A 95 6.61 14.90 2.61
C GLU A 95 6.20 13.43 2.69
N PHE A 96 5.17 13.06 1.93
CA PHE A 96 4.76 11.66 1.90
C PHE A 96 5.87 10.81 1.27
N LEU A 97 6.45 11.26 0.16
CA LEU A 97 7.50 10.50 -0.51
C LEU A 97 8.73 10.31 0.38
N GLN A 98 9.16 11.32 1.12
CA GLN A 98 10.29 11.12 2.01
CA GLN A 98 10.30 11.12 2.02
C GLN A 98 9.93 10.05 3.05
N TRP A 99 8.72 10.15 3.62
CA TRP A 99 8.27 9.15 4.58
C TRP A 99 8.27 7.74 4.01
N ALA A 100 7.70 7.59 2.80
CA ALA A 100 7.55 6.25 2.23
C ALA A 100 8.89 5.67 1.78
N LEU A 101 9.77 6.55 1.28
CA LEU A 101 10.97 6.12 0.60
C LEU A 101 12.11 5.93 1.60
N CYS A 102 12.03 6.52 2.81
CA CYS A 102 13.19 6.48 3.71
C CYS A 102 12.83 5.95 5.10
N PRO A 103 12.33 4.71 5.21
CA PRO A 103 12.05 4.11 6.51
C PRO A 103 13.36 3.65 7.13
N PRO A 104 13.35 3.25 8.42
CA PRO A 104 14.55 2.79 9.11
C PRO A 104 15.32 1.73 8.29
N ASN A 105 16.65 1.96 8.17
CA ASN A 105 17.53 1.02 7.51
C ASN A 105 17.23 0.89 6.01
N TYR A 106 16.65 1.94 5.40
CA TYR A 106 16.45 1.87 3.96
C TYR A 106 17.80 1.81 3.22
N ILE A 107 17.75 1.24 2.01
CA ILE A 107 18.94 1.08 1.20
CA ILE A 107 18.94 1.08 1.19
C ILE A 107 18.90 2.13 0.10
N PRO A 108 19.77 3.16 0.14
CA PRO A 108 19.71 4.22 -0.86
C PRO A 108 19.76 3.69 -2.28
N ASP A 109 20.59 2.65 -2.51
CA ASP A 109 20.75 2.08 -3.86
C ASP A 109 19.48 1.42 -4.42
N TRP A 110 18.51 1.08 -3.57
CA TRP A 110 17.25 0.53 -4.08
C TRP A 110 16.30 1.56 -4.69
N HIS A 111 16.59 2.85 -4.59
CA HIS A 111 15.83 3.83 -5.32
C HIS A 111 16.51 4.04 -6.67
N VAL A 112 15.79 3.71 -7.75
CA VAL A 112 16.43 3.66 -9.06
C VAL A 112 15.74 4.63 -9.99
N ALA A 113 16.52 5.53 -10.61
CA ALA A 113 15.96 6.45 -11.58
C ALA A 113 16.72 6.36 -12.89
N VAL A 114 16.03 6.78 -13.94
CA VAL A 114 16.60 7.03 -15.25
C VAL A 114 16.43 8.51 -15.59
N ARG A 115 17.54 9.13 -16.02
CA ARG A 115 17.50 10.51 -16.52
C ARG A 115 18.04 10.56 -17.94
N ARG A 116 17.53 11.52 -18.71
CA ARG A 116 18.10 11.86 -20.01
C ARG A 116 19.43 12.56 -19.74
N LYS A 117 20.54 12.05 -20.32
CA LYS A 117 21.87 12.54 -19.97
C LYS A 117 22.03 14.05 -20.18
N ALA A 118 21.44 14.59 -21.26
CA ALA A 118 21.71 15.96 -21.68
C ALA A 118 21.24 17.00 -20.67
N ASP A 119 19.91 17.15 -20.55
CA ASP A 119 19.29 18.13 -19.66
C ASP A 119 19.12 17.54 -18.25
N LYS A 120 19.30 16.22 -18.13
CA LYS A 120 19.14 15.49 -16.88
C LYS A 120 17.67 15.47 -16.43
N LYS A 121 16.73 15.50 -17.38
CA LYS A 121 15.29 15.38 -17.11
C LYS A 121 15.02 13.98 -16.55
N LEU A 122 14.30 13.90 -15.43
CA LEU A 122 13.92 12.61 -14.85
C LEU A 122 12.87 11.97 -15.75
N LEU A 123 13.13 10.73 -16.21
CA LEU A 123 12.31 10.08 -17.21
C LEU A 123 11.59 8.87 -16.62
N ALA A 124 12.19 8.22 -15.60
CA ALA A 124 11.56 7.02 -15.04
C ALA A 124 12.07 6.79 -13.62
N PHE A 125 11.29 6.04 -12.82
CA PHE A 125 11.68 5.82 -11.44
C PHE A 125 11.07 4.51 -10.97
N ILE A 126 11.73 3.86 -10.02
CA ILE A 126 11.09 2.78 -9.26
C ILE A 126 11.70 2.78 -7.86
N ALA A 127 10.92 2.42 -6.83
CA ALA A 127 11.55 2.43 -5.53
C ALA A 127 11.39 1.08 -4.84
N GLY A 128 12.45 0.67 -4.13
CA GLY A 128 12.36 -0.47 -3.22
C GLY A 128 12.72 -0.05 -1.78
N VAL A 129 11.97 -0.57 -0.80
CA VAL A 129 12.29 -0.30 0.59
C VAL A 129 12.29 -1.63 1.32
N PRO A 130 13.04 -1.74 2.44
CA PRO A 130 13.02 -2.98 3.19
C PRO A 130 11.67 -3.22 3.85
N VAL A 131 11.31 -4.49 3.94
CA VAL A 131 10.21 -4.90 4.78
C VAL A 131 10.56 -6.26 5.36
N THR A 132 10.10 -6.49 6.59
CA THR A 132 10.22 -7.81 7.21
C THR A 132 8.85 -8.46 7.16
N LEU A 133 8.71 -9.57 6.42
CA LEU A 133 7.37 -10.07 6.09
C LEU A 133 7.29 -11.54 6.48
N ARG A 134 6.19 -11.89 7.16
CA ARG A 134 5.74 -13.27 7.31
C ARG A 134 5.10 -13.68 5.99
N MET A 135 5.65 -14.72 5.37
CA MET A 135 5.27 -15.13 4.05
C MET A 135 5.46 -16.65 3.92
N GLY A 136 5.28 -17.32 5.07
CA GLY A 136 5.31 -18.78 5.06
C GLY A 136 3.96 -19.37 4.68
N THR A 137 3.91 -20.70 4.60
CA THR A 137 2.71 -21.37 4.13
C THR A 137 1.50 -20.96 4.95
N PRO A 138 0.39 -20.60 4.28
CA PRO A 138 -0.83 -20.18 4.98
C PRO A 138 -1.34 -21.28 5.91
N LYS A 139 -2.19 -20.90 6.87
CA LYS A 139 -2.77 -21.84 7.83
C LYS A 139 -3.51 -23.00 7.14
N TYR A 140 -4.38 -22.70 6.15
CA TYR A 140 -5.15 -23.82 5.64
CA TYR A 140 -5.19 -23.71 5.47
C TYR A 140 -4.28 -24.74 4.79
N MET A 141 -3.09 -24.31 4.36
CA MET A 141 -2.24 -25.25 3.66
CA MET A 141 -2.17 -25.19 3.66
C MET A 141 -1.35 -26.00 4.65
N LYS A 142 -1.07 -25.42 5.83
CA LYS A 142 -0.30 -26.15 6.82
C LYS A 142 -1.15 -27.27 7.42
N VAL A 143 -2.47 -27.16 7.27
CA VAL A 143 -3.42 -28.17 7.73
C VAL A 143 -3.47 -29.31 6.71
N LYS A 144 -3.81 -29.01 5.46
CA LYS A 144 -3.76 -30.02 4.42
C LYS A 144 -2.43 -30.77 4.53
N ALA A 145 -1.41 -30.08 5.04
CA ALA A 145 -0.06 -30.61 5.02
C ALA A 145 0.07 -31.65 6.12
N GLN A 146 -0.47 -31.34 7.30
CA GLN A 146 -0.34 -32.21 8.46
C GLN A 146 -1.09 -33.51 8.20
N GLU A 147 -2.31 -33.36 7.66
CA GLU A 147 -3.16 -34.41 7.13
C GLU A 147 -2.32 -35.34 6.24
N LYS A 148 -1.37 -34.75 5.52
CA LYS A 148 -0.67 -35.39 4.43
C LYS A 148 0.65 -35.97 4.92
N GLY A 149 1.04 -35.69 6.17
CA GLY A 149 2.37 -36.05 6.62
C GLY A 149 3.48 -35.18 6.04
N GLU A 150 3.11 -33.97 5.53
CA GLU A 150 4.05 -33.05 4.88
C GLU A 150 4.33 -31.77 5.69
N GLY A 151 4.31 -31.82 7.04
CA GLY A 151 4.50 -30.65 7.88
C GLY A 151 5.86 -29.96 7.81
N GLU A 152 6.96 -30.71 7.73
CA GLU A 152 8.27 -30.09 7.75
C GLU A 152 8.46 -29.20 6.51
N GLU A 153 7.99 -29.69 5.36
CA GLU A 153 8.14 -28.93 4.13
C GLU A 153 7.28 -27.67 4.21
N ALA A 154 6.06 -27.79 4.76
CA ALA A 154 5.12 -26.69 4.87
C ALA A 154 5.65 -25.57 5.78
N ALA A 155 6.55 -25.87 6.74
CA ALA A 155 6.99 -24.89 7.73
C ALA A 155 8.39 -24.35 7.44
N LYS A 156 9.02 -24.79 6.34
CA LYS A 156 10.41 -24.45 6.09
C LYS A 156 10.68 -22.94 6.09
N TYR A 157 9.75 -22.14 5.54
CA TYR A 157 10.03 -20.71 5.40
C TYR A 157 9.08 -19.90 6.26
N ASP A 158 8.83 -20.40 7.48
CA ASP A 158 7.96 -19.75 8.44
C ASP A 158 8.57 -18.48 9.02
N GLU A 159 9.91 -18.41 9.12
CA GLU A 159 10.53 -17.28 9.80
CA GLU A 159 10.57 -17.28 9.77
C GLU A 159 10.28 -16.01 8.98
N PRO A 160 9.98 -14.86 9.63
CA PRO A 160 9.84 -13.60 8.88
C PRO A 160 11.08 -13.36 8.02
N ARG A 161 10.86 -12.90 6.78
CA ARG A 161 11.96 -12.72 5.85
C ARG A 161 12.18 -11.23 5.61
N HIS A 162 13.45 -10.82 5.53
CA HIS A 162 13.83 -9.47 5.18
C HIS A 162 13.87 -9.35 3.67
N ILE A 163 12.83 -8.76 3.06
CA ILE A 163 12.73 -8.66 1.61
C ILE A 163 12.56 -7.21 1.18
N CYS A 164 12.19 -7.02 -0.09
CA CYS A 164 12.05 -5.70 -0.70
C CYS A 164 10.57 -5.49 -1.02
N GLU A 165 10.06 -4.28 -0.74
CA GLU A 165 8.75 -3.88 -1.21
C GLU A 165 8.95 -2.83 -2.28
N ILE A 166 8.34 -3.07 -3.44
CA ILE A 166 8.50 -2.20 -4.60
C ILE A 166 7.27 -1.33 -4.76
N ASN A 167 7.52 -0.06 -5.08
CA ASN A 167 6.41 0.86 -5.27
C ASN A 167 6.91 1.97 -6.18
N PHE A 168 5.97 2.78 -6.63
CA PHE A 168 6.23 4.01 -7.36
C PHE A 168 6.91 3.79 -8.71
N LEU A 169 6.68 2.64 -9.38
CA LEU A 169 7.20 2.49 -10.74
C LEU A 169 6.52 3.50 -11.67
N CYS A 170 7.29 4.25 -12.44
CA CYS A 170 6.67 5.30 -13.26
C CYS A 170 7.57 5.61 -14.45
N VAL A 171 6.99 5.55 -15.67
CA VAL A 171 7.72 6.04 -16.83
C VAL A 171 7.01 7.28 -17.37
N HIS A 172 7.79 8.30 -17.69
CA HIS A 172 7.29 9.52 -18.30
C HIS A 172 6.34 9.20 -19.44
N LYS A 173 5.22 9.95 -19.51
CA LYS A 173 4.25 9.74 -20.57
C LYS A 173 4.84 9.74 -21.99
N GLN A 174 5.88 10.53 -22.22
CA GLN A 174 6.44 10.61 -23.56
C GLN A 174 7.32 9.40 -23.87
N LEU A 175 7.65 8.61 -22.84
CA LEU A 175 8.54 7.47 -23.03
C LEU A 175 7.77 6.14 -22.92
N ARG A 176 6.43 6.16 -22.92
CA ARG A 176 5.63 4.95 -22.76
C ARG A 176 5.74 3.98 -23.94
N GLU A 177 5.58 2.68 -23.65
CA GLU A 177 5.49 1.58 -24.61
C GLU A 177 6.78 1.46 -25.41
N LYS A 178 7.90 1.80 -24.76
CA LYS A 178 9.22 1.60 -25.34
C LYS A 178 10.06 0.60 -24.56
N ARG A 179 9.42 -0.20 -23.70
CA ARG A 179 10.06 -1.30 -22.97
C ARG A 179 11.02 -0.79 -21.90
N LEU A 180 10.80 0.45 -21.43
CA LEU A 180 11.65 1.02 -20.40
C LEU A 180 11.34 0.41 -19.02
N ALA A 181 10.07 0.09 -18.75
CA ALA A 181 9.67 -0.51 -17.48
C ALA A 181 10.45 -1.81 -17.22
N PRO A 182 10.54 -2.79 -18.15
CA PRO A 182 11.37 -3.97 -17.90
C PRO A 182 12.81 -3.66 -17.48
N ILE A 183 13.44 -2.68 -18.13
CA ILE A 183 14.83 -2.34 -17.82
C ILE A 183 14.91 -1.82 -16.38
N LEU A 184 13.92 -1.00 -15.96
CA LEU A 184 13.89 -0.52 -14.58
CA LEU A 184 13.91 -0.53 -14.58
C LEU A 184 13.76 -1.68 -13.61
N ILE A 185 12.90 -2.64 -13.95
CA ILE A 185 12.63 -3.75 -13.07
C ILE A 185 13.89 -4.62 -12.99
N LYS A 186 14.56 -4.82 -14.12
CA LYS A 186 15.79 -5.63 -14.14
CA LYS A 186 15.78 -5.64 -14.13
C LYS A 186 16.87 -5.02 -13.26
N GLU A 187 17.04 -3.69 -13.36
CA GLU A 187 18.08 -2.98 -12.64
C GLU A 187 17.74 -2.95 -11.15
N ALA A 188 16.47 -2.73 -10.83
CA ALA A 188 16.09 -2.79 -9.42
C ALA A 188 16.38 -4.18 -8.85
N THR A 189 16.03 -5.22 -9.59
CA THR A 189 16.25 -6.58 -9.14
C THR A 189 17.73 -6.82 -8.88
N ARG A 190 18.56 -6.40 -9.84
CA ARG A 190 20.02 -6.50 -9.68
C ARG A 190 20.47 -5.82 -8.36
N ARG A 191 20.03 -4.58 -8.16
CA ARG A 191 20.47 -3.85 -6.96
C ARG A 191 20.05 -4.54 -5.67
N VAL A 192 18.82 -5.10 -5.64
CA VAL A 192 18.30 -5.81 -4.50
C VAL A 192 19.12 -7.09 -4.32
N ASN A 193 19.30 -7.83 -5.42
CA ASN A 193 20.01 -9.10 -5.35
C ASN A 193 21.44 -8.88 -4.82
N ARG A 194 22.06 -7.78 -5.21
CA ARG A 194 23.44 -7.48 -4.79
C ARG A 194 23.51 -7.21 -3.28
N THR A 195 22.33 -7.06 -2.64
CA THR A 195 22.32 -6.94 -1.17
C THR A 195 21.86 -8.25 -0.52
N ASN A 196 21.86 -9.34 -1.28
CA ASN A 196 21.48 -10.65 -0.78
C ASN A 196 20.00 -10.75 -0.39
N VAL A 197 19.15 -10.08 -1.17
CA VAL A 197 17.71 -10.20 -1.02
C VAL A 197 17.15 -10.72 -2.35
N TRP A 198 16.26 -11.71 -2.27
CA TRP A 198 15.92 -12.54 -3.40
C TRP A 198 14.42 -12.53 -3.65
N GLN A 199 13.62 -11.96 -2.71
CA GLN A 199 12.19 -11.85 -2.93
C GLN A 199 11.75 -10.39 -2.87
N ALA A 200 10.61 -10.10 -3.54
CA ALA A 200 10.02 -8.76 -3.39
C ALA A 200 8.51 -8.95 -3.29
N VAL A 201 7.83 -7.95 -2.72
CA VAL A 201 6.37 -7.94 -2.68
C VAL A 201 5.96 -6.62 -3.32
N TYR A 202 4.87 -6.66 -4.11
CA TYR A 202 4.45 -5.45 -4.81
C TYR A 202 2.96 -5.53 -5.04
N THR A 203 2.31 -4.37 -5.17
CA THR A 203 0.89 -4.42 -5.52
C THR A 203 0.70 -3.61 -6.79
N ALA A 204 -0.38 -3.90 -7.50
CA ALA A 204 -0.75 -3.10 -8.66
C ALA A 204 -2.25 -3.20 -8.87
N GLY A 205 -2.78 -2.19 -9.55
CA GLY A 205 -4.17 -2.20 -9.92
C GLY A 205 -4.37 -3.13 -11.11
N VAL A 206 -3.36 -3.24 -12.01
CA VAL A 206 -3.45 -4.06 -13.21
C VAL A 206 -3.22 -5.53 -12.86
N LEU A 207 -3.77 -6.39 -13.71
CA LEU A 207 -3.54 -7.83 -13.68
C LEU A 207 -2.27 -8.21 -14.46
N LEU A 208 -1.27 -8.75 -13.75
CA LEU A 208 -0.03 -9.25 -14.31
C LEU A 208 0.11 -10.72 -13.92
N PRO A 209 1.08 -11.48 -14.43
CA PRO A 209 1.32 -12.83 -13.90
C PRO A 209 2.12 -12.72 -12.59
N THR A 210 1.61 -13.25 -11.47
CA THR A 210 0.24 -13.70 -11.25
C THR A 210 -0.05 -13.37 -9.79
N PRO A 211 -1.20 -12.79 -9.41
CA PRO A 211 -1.34 -12.35 -8.00
C PRO A 211 -1.54 -13.54 -7.08
N TYR A 212 -1.07 -13.42 -5.82
CA TYR A 212 -1.46 -14.39 -4.81
C TYR A 212 -2.72 -13.97 -4.06
N ALA A 213 -3.15 -12.69 -4.18
CA ALA A 213 -4.38 -12.27 -3.55
C ALA A 213 -4.84 -11.02 -4.30
N SER A 214 -6.13 -10.76 -4.22
CA SER A 214 -6.77 -9.62 -4.89
CA SER A 214 -6.77 -9.62 -4.88
C SER A 214 -7.95 -9.15 -4.04
N GLY A 215 -8.07 -7.83 -3.84
CA GLY A 215 -9.21 -7.35 -3.08
C GLY A 215 -9.78 -6.10 -3.73
N GLN A 216 -11.09 -5.90 -3.54
CA GLN A 216 -11.69 -4.70 -4.05
C GLN A 216 -11.27 -3.51 -3.20
N TYR A 217 -11.30 -2.34 -3.85
CA TYR A 217 -11.29 -1.07 -3.17
C TYR A 217 -12.67 -0.68 -2.66
N PHE A 218 -12.69 0.01 -1.51
CA PHE A 218 -13.89 0.59 -0.91
C PHE A 218 -13.67 2.06 -0.61
N HIS A 219 -14.76 2.83 -0.68
CA HIS A 219 -14.66 4.26 -0.34
C HIS A 219 -15.82 4.61 0.56
N ARG A 220 -15.63 5.66 1.36
CA ARG A 220 -16.63 6.18 2.26
C ARG A 220 -16.63 7.69 2.03
N SER A 221 -17.74 8.21 1.49
CA SER A 221 -17.87 9.63 1.24
CA SER A 221 -17.88 9.63 1.25
C SER A 221 -17.86 10.42 2.55
N LEU A 222 -17.04 11.49 2.60
CA LEU A 222 -16.98 12.37 3.76
C LEU A 222 -17.52 13.75 3.35
N ASN A 223 -17.26 14.15 2.09
CA ASN A 223 -17.74 15.41 1.52
C ASN A 223 -18.50 15.10 0.25
N PRO A 224 -19.73 14.57 0.34
CA PRO A 224 -20.45 14.15 -0.85
C PRO A 224 -20.67 15.29 -1.85
N GLU A 225 -20.91 16.51 -1.36
CA GLU A 225 -21.15 17.65 -2.26
C GLU A 225 -20.01 17.71 -3.28
N LYS A 226 -18.75 17.77 -2.79
CA LYS A 226 -17.55 17.87 -3.62
C LYS A 226 -17.36 16.63 -4.49
N LEU A 227 -17.54 15.43 -3.91
CA LEU A 227 -17.32 14.19 -4.64
C LEU A 227 -18.24 14.11 -5.84
N VAL A 228 -19.46 14.66 -5.70
CA VAL A 228 -20.41 14.64 -6.81
C VAL A 228 -19.98 15.63 -7.89
N GLU A 229 -19.60 16.84 -7.45
CA GLU A 229 -19.12 17.89 -8.32
C GLU A 229 -17.99 17.36 -9.23
N ILE A 230 -17.04 16.61 -8.66
CA ILE A 230 -15.85 16.25 -9.43
C ILE A 230 -16.08 14.93 -10.14
N ARG A 231 -17.29 14.37 -10.00
CA ARG A 231 -17.65 13.11 -10.64
C ARG A 231 -16.80 11.97 -10.09
N PHE A 232 -16.25 12.14 -8.87
CA PHE A 232 -15.75 10.96 -8.19
C PHE A 232 -16.93 10.05 -7.92
N SER A 233 -18.05 10.71 -7.59
CA SER A 233 -19.33 10.11 -7.21
C SER A 233 -20.42 10.60 -8.14
N GLY A 234 -21.41 9.74 -8.38
CA GLY A 234 -22.66 10.20 -8.96
C GLY A 234 -23.83 9.89 -8.04
N ILE A 235 -24.75 10.86 -7.89
CA ILE A 235 -26.05 10.64 -7.26
C ILE A 235 -26.62 9.34 -7.80
N PRO A 236 -26.69 8.23 -7.00
CA PRO A 236 -27.30 6.98 -7.48
C PRO A 236 -28.80 7.10 -7.74
N ALA A 237 -29.31 6.19 -8.58
CA ALA A 237 -30.62 6.31 -9.21
C ALA A 237 -31.76 6.48 -8.20
N GLN A 238 -31.67 5.81 -7.05
CA GLN A 238 -32.75 5.80 -6.08
C GLN A 238 -32.89 7.16 -5.41
N TYR A 239 -31.91 8.07 -5.62
CA TYR A 239 -32.00 9.39 -5.02
C TYR A 239 -32.87 10.30 -5.89
N GLN A 240 -33.23 9.82 -7.08
CA GLN A 240 -34.03 10.61 -8.03
C GLN A 240 -35.49 10.71 -7.56
N LYS A 241 -35.96 9.69 -6.83
CA LYS A 241 -37.34 9.65 -6.36
C LYS A 241 -37.50 10.59 -5.16
N PHE A 242 -36.45 11.39 -4.88
CA PHE A 242 -36.48 12.40 -3.84
C PHE A 242 -36.63 13.79 -4.45
N GLN A 243 -37.24 14.69 -3.68
CA GLN A 243 -37.41 16.07 -4.13
C GLN A 243 -36.06 16.81 -4.19
N ASN A 244 -35.18 16.54 -3.22
CA ASN A 244 -33.86 17.18 -3.20
C ASN A 244 -32.80 16.11 -3.03
N PRO A 245 -32.38 15.44 -4.14
CA PRO A 245 -31.47 14.30 -4.05
C PRO A 245 -30.17 14.61 -3.30
N MET A 246 -29.58 15.77 -3.62
CA MET A 246 -28.31 16.20 -3.03
C MET A 246 -28.43 16.37 -1.52
N ALA A 247 -29.55 16.93 -1.07
CA ALA A 247 -29.75 17.14 0.35
C ALA A 247 -29.84 15.80 1.09
N MET A 248 -30.44 14.81 0.43
CA MET A 248 -30.62 13.50 1.05
C MET A 248 -29.26 12.79 1.06
N LEU A 249 -28.43 13.06 0.04
CA LEU A 249 -27.12 12.44 -0.05
C LEU A 249 -26.22 12.94 1.08
N LYS A 250 -26.19 14.27 1.29
CA LYS A 250 -25.42 14.89 2.34
CA LYS A 250 -25.44 14.91 2.34
C LYS A 250 -25.83 14.33 3.71
N ARG A 251 -27.14 14.21 3.94
CA ARG A 251 -27.64 13.74 5.22
C ARG A 251 -27.21 12.30 5.47
N ASN A 252 -27.25 11.49 4.40
CA ASN A 252 -26.85 10.09 4.43
CA ASN A 252 -26.89 10.08 4.49
C ASN A 252 -25.44 9.91 4.98
N TYR A 253 -24.53 10.85 4.63
CA TYR A 253 -23.11 10.64 4.94
C TYR A 253 -22.59 11.49 6.10
N GLN A 254 -23.50 12.22 6.76
CA GLN A 254 -23.18 13.12 7.86
CA GLN A 254 -23.11 13.12 7.82
C GLN A 254 -22.51 12.33 8.99
N LEU A 255 -21.52 12.94 9.63
CA LEU A 255 -20.79 12.34 10.74
C LEU A 255 -20.79 13.28 11.93
N PRO A 256 -20.61 12.77 13.18
CA PRO A 256 -20.38 13.64 14.33
C PRO A 256 -19.19 14.56 14.12
N SER A 257 -19.19 15.70 14.83
CA SER A 257 -18.13 16.70 14.73
C SER A 257 -16.92 16.31 15.56
N ALA A 258 -17.14 15.47 16.57
CA ALA A 258 -16.10 15.11 17.53
C ALA A 258 -16.11 13.60 17.79
N PRO A 259 -14.94 12.97 18.06
CA PRO A 259 -14.87 11.52 18.31
C PRO A 259 -15.80 11.09 19.44
N LYS A 260 -16.23 9.82 19.40
CA LYS A 260 -17.13 9.25 20.39
C LYS A 260 -16.38 8.47 21.46
N ASN A 261 -15.19 7.94 21.17
CA ASN A 261 -14.49 7.16 22.18
C ASN A 261 -13.84 8.10 23.19
N SER A 262 -14.23 7.93 24.45
CA SER A 262 -13.52 8.60 25.51
C SER A 262 -12.12 8.02 25.57
N GLY A 263 -11.15 8.90 25.75
CA GLY A 263 -9.79 8.38 25.86
C GLY A 263 -9.03 8.48 24.54
N LEU A 264 -9.70 8.92 23.45
CA LEU A 264 -9.02 9.00 22.16
C LEU A 264 -8.10 10.21 22.16
N ARG A 265 -6.85 10.03 21.68
CA ARG A 265 -5.94 11.16 21.51
C ARG A 265 -4.90 10.75 20.46
N GLU A 266 -4.07 11.71 20.01
CA GLU A 266 -3.04 11.37 19.06
CA GLU A 266 -3.03 11.38 19.06
C GLU A 266 -1.97 10.54 19.75
N MET A 267 -1.35 9.67 18.98
CA MET A 267 -0.28 8.82 19.45
C MET A 267 0.95 9.72 19.70
N LYS A 268 1.74 9.33 20.72
CA LYS A 268 2.99 10.03 20.95
CA LYS A 268 2.96 10.01 21.14
C LYS A 268 4.09 9.00 21.11
N PRO A 269 5.39 9.43 21.09
CA PRO A 269 6.50 8.48 21.11
C PRO A 269 6.43 7.45 22.22
N SER A 270 5.94 7.83 23.40
CA SER A 270 5.90 6.90 24.51
C SER A 270 4.93 5.75 24.27
N ASP A 271 4.01 5.89 23.29
CA ASP A 271 3.04 4.84 23.02
C ASP A 271 3.64 3.69 22.21
N VAL A 272 4.84 3.89 21.63
CA VAL A 272 5.39 3.04 20.58
C VAL A 272 5.43 1.59 21.07
N PRO A 273 5.96 1.27 22.28
CA PRO A 273 5.92 -0.12 22.72
C PRO A 273 4.55 -0.78 22.80
N GLN A 274 3.54 -0.09 23.34
CA GLN A 274 2.24 -0.70 23.51
C GLN A 274 1.58 -0.89 22.13
N VAL A 275 1.73 0.12 21.25
CA VAL A 275 1.17 0.01 19.90
C VAL A 275 1.81 -1.16 19.14
N ARG A 276 3.12 -1.29 19.27
CA ARG A 276 3.81 -2.37 18.58
C ARG A 276 3.25 -3.71 19.07
N ARG A 277 3.07 -3.82 20.39
CA ARG A 277 2.58 -5.08 20.95
C ARG A 277 1.16 -5.43 20.48
N ILE A 278 0.23 -4.49 20.57
CA ILE A 278 -1.16 -4.80 20.21
C ILE A 278 -1.23 -4.99 18.69
N LEU A 279 -0.42 -4.23 17.94
CA LEU A 279 -0.46 -4.42 16.49
C LEU A 279 0.10 -5.79 16.13
N MET A 280 1.23 -6.18 16.74
CA MET A 280 1.88 -7.43 16.38
CA MET A 280 1.89 -7.43 16.39
C MET A 280 0.96 -8.60 16.71
N ASN A 281 0.28 -8.53 17.86
CA ASN A 281 -0.67 -9.56 18.27
C ASN A 281 -1.77 -9.73 17.22
N TYR A 282 -2.30 -8.59 16.76
CA TYR A 282 -3.35 -8.60 15.76
C TYR A 282 -2.85 -9.13 14.41
N LEU A 283 -1.72 -8.60 13.90
CA LEU A 283 -1.25 -8.97 12.57
C LEU A 283 -0.82 -10.44 12.49
N ASP A 284 -0.41 -10.96 13.65
N ASP A 284 -0.33 -11.03 13.58
CA ASP A 284 0.10 -12.32 13.79
CA ASP A 284 0.24 -12.36 13.44
C ASP A 284 -0.85 -13.32 13.16
C ASP A 284 -0.86 -13.40 13.16
N SER A 285 -2.14 -12.98 13.26
CA SER A 285 -3.25 -13.87 12.92
CA SER A 285 -3.33 -13.76 12.92
C SER A 285 -3.48 -13.99 11.42
N PHE A 286 -2.86 -13.16 10.59
CA PHE A 286 -3.03 -13.22 9.13
C PHE A 286 -1.89 -14.02 8.50
N ASP A 287 -2.13 -14.60 7.32
CA ASP A 287 -1.12 -15.42 6.67
C ASP A 287 0.07 -14.63 6.16
N VAL A 288 -0.16 -13.44 5.57
CA VAL A 288 0.91 -12.64 5.03
C VAL A 288 0.85 -11.31 5.78
N GLY A 289 1.93 -10.96 6.44
CA GLY A 289 1.87 -9.74 7.26
C GLY A 289 3.27 -9.25 7.60
N PRO A 290 3.44 -7.93 7.85
CA PRO A 290 4.72 -7.38 8.24
C PRO A 290 5.01 -7.61 9.72
N VAL A 291 6.31 -7.55 10.02
CA VAL A 291 6.80 -7.54 11.40
C VAL A 291 7.56 -6.23 11.56
N PHE A 292 7.19 -5.44 12.57
CA PHE A 292 7.80 -4.13 12.74
C PHE A 292 8.65 -4.06 14.01
N SER A 293 9.81 -3.41 13.88
CA SER A 293 10.62 -3.02 15.03
C SER A 293 10.00 -1.79 15.70
N ASP A 294 10.47 -1.43 16.91
CA ASP A 294 10.04 -0.17 17.51
C ASP A 294 10.35 1.00 16.59
N ALA A 295 11.51 1.00 15.91
CA ALA A 295 11.88 2.10 15.05
C ALA A 295 10.93 2.20 13.86
N GLU A 296 10.48 1.04 13.34
CA GLU A 296 9.54 0.99 12.24
C GLU A 296 8.14 1.39 12.69
N ILE A 297 7.71 1.00 13.90
CA ILE A 297 6.43 1.50 14.42
C ILE A 297 6.50 3.03 14.53
N SER A 298 7.59 3.55 15.06
CA SER A 298 7.79 5.00 15.17
CA SER A 298 7.76 4.99 15.18
C SER A 298 7.63 5.67 13.80
N HIS A 299 8.39 5.14 12.83
CA HIS A 299 8.44 5.72 11.52
C HIS A 299 7.06 5.69 10.86
N TYR A 300 6.42 4.52 10.86
CA TYR A 300 5.20 4.42 10.05
C TYR A 300 3.96 4.92 10.77
N LEU A 301 3.98 5.05 12.11
CA LEU A 301 2.75 5.37 12.83
C LEU A 301 2.79 6.71 13.59
N LEU A 302 3.97 7.23 13.99
CA LEU A 302 3.84 8.50 14.71
C LEU A 302 3.32 9.59 13.79
N PRO A 303 2.41 10.47 14.30
CA PRO A 303 1.83 11.49 13.47
C PRO A 303 2.90 12.32 12.79
N ARG A 304 2.64 12.65 11.53
CA ARG A 304 3.46 13.52 10.66
C ARG A 304 2.51 14.43 9.91
N ASP A 305 2.73 15.73 10.02
CA ASP A 305 1.75 16.68 9.50
C ASP A 305 1.54 16.49 8.02
N GLY A 306 0.27 16.47 7.63
CA GLY A 306 -0.14 16.25 6.26
C GLY A 306 0.10 14.83 5.70
N VAL A 307 0.68 13.90 6.47
CA VAL A 307 1.07 12.63 5.90
C VAL A 307 0.35 11.47 6.61
N VAL A 308 0.64 11.32 7.88
CA VAL A 308 0.08 10.19 8.59
C VAL A 308 -0.50 10.66 9.93
N PHE A 309 -1.64 10.08 10.31
CA PHE A 309 -2.45 10.53 11.44
C PHE A 309 -2.80 9.28 12.24
N THR A 310 -2.47 9.28 13.53
CA THR A 310 -2.59 8.06 14.31
C THR A 310 -3.12 8.42 15.68
N TYR A 311 -4.17 7.69 16.09
CA TYR A 311 -4.81 7.95 17.37
C TYR A 311 -4.85 6.68 18.20
N VAL A 312 -4.67 6.82 19.51
CA VAL A 312 -4.79 5.70 20.41
C VAL A 312 -5.99 5.93 21.32
N VAL A 313 -6.60 4.84 21.76
CA VAL A 313 -7.55 4.88 22.86
C VAL A 313 -6.73 4.49 24.09
N GLU A 314 -6.62 5.46 24.98
CA GLU A 314 -6.00 5.19 26.26
C GLU A 314 -6.99 5.61 27.32
N ASN A 315 -7.47 4.62 28.08
CA ASN A 315 -8.13 4.93 29.34
C ASN A 315 -7.33 4.21 30.42
N ASP A 316 -7.07 4.90 31.55
CA ASP A 316 -6.44 4.19 32.64
C ASP A 316 -4.96 3.98 32.30
N LYS A 317 -4.35 4.99 31.63
CA LYS A 317 -2.91 5.00 31.35
C LYS A 317 -2.50 3.79 30.51
N LYS A 318 -3.46 3.11 29.87
CA LYS A 318 -3.20 1.89 29.12
C LYS A 318 -3.71 2.12 27.69
N VAL A 319 -2.86 1.86 26.69
CA VAL A 319 -3.30 1.87 25.28
C VAL A 319 -3.90 0.51 24.92
N THR A 320 -5.20 0.51 24.62
CA THR A 320 -5.94 -0.71 24.38
C THR A 320 -6.29 -0.83 22.88
N ASP A 321 -6.36 0.31 22.18
CA ASP A 321 -6.77 0.35 20.77
C ASP A 321 -6.03 1.48 20.05
N PHE A 322 -5.87 1.38 18.71
CA PHE A 322 -5.43 2.53 17.96
C PHE A 322 -5.88 2.39 16.50
N PHE A 323 -5.91 3.52 15.78
CA PHE A 323 -6.05 3.44 14.33
C PHE A 323 -5.12 4.47 13.69
N SER A 324 -4.81 4.26 12.40
CA SER A 324 -3.97 5.20 11.66
C SER A 324 -4.59 5.38 10.27
N PHE A 325 -4.41 6.59 9.69
CA PHE A 325 -4.74 6.78 8.29
C PHE A 325 -3.66 7.67 7.67
N TYR A 326 -3.48 7.57 6.36
CA TYR A 326 -2.53 8.44 5.69
C TYR A 326 -3.23 9.19 4.57
N ARG A 327 -2.60 10.29 4.10
CA ARG A 327 -3.26 11.14 3.12
C ARG A 327 -2.62 10.94 1.75
N ILE A 328 -3.45 10.70 0.73
CA ILE A 328 -2.90 10.86 -0.62
C ILE A 328 -3.90 11.70 -1.38
N PRO A 329 -3.52 12.92 -1.79
CA PRO A 329 -4.41 13.73 -2.61
C PRO A 329 -4.31 13.29 -4.06
N SER A 330 -5.33 13.64 -4.85
CA SER A 330 -5.26 13.45 -6.28
C SER A 330 -5.49 14.76 -7.02
N THR A 331 -4.77 14.94 -8.14
CA THR A 331 -5.09 16.03 -9.06
C THR A 331 -6.43 15.73 -9.73
N VAL A 332 -7.34 16.72 -9.74
CA VAL A 332 -8.59 16.56 -10.48
C VAL A 332 -8.37 17.18 -11.84
N ILE A 333 -8.24 16.33 -12.85
CA ILE A 333 -7.74 16.70 -14.17
C ILE A 333 -8.76 17.56 -14.92
N GLY A 334 -10.04 17.17 -14.88
CA GLY A 334 -11.09 17.78 -15.69
C GLY A 334 -11.74 19.05 -15.10
N ASN A 335 -12.29 18.96 -13.88
CA ASN A 335 -13.00 20.02 -13.17
C ASN A 335 -12.10 21.24 -13.01
N SER A 336 -12.74 22.40 -12.71
CA SER A 336 -12.06 23.60 -12.24
C SER A 336 -12.97 24.48 -11.36
N ASN A 337 -13.62 23.85 -10.38
CA ASN A 337 -14.08 24.48 -9.15
C ASN A 337 -13.16 24.01 -8.03
N TYR A 338 -12.52 22.87 -8.29
CA TYR A 338 -11.74 22.09 -7.35
C TYR A 338 -10.51 21.57 -8.09
N ASN A 339 -9.32 21.62 -7.48
CA ASN A 339 -8.25 21.03 -8.28
CA ASN A 339 -8.09 21.19 -8.13
C ASN A 339 -7.63 19.85 -7.57
N LEU A 340 -8.12 19.51 -6.36
CA LEU A 340 -7.56 18.40 -5.60
C LEU A 340 -8.68 17.58 -4.95
N LEU A 341 -8.51 16.24 -4.95
CA LEU A 341 -9.29 15.32 -4.13
C LEU A 341 -8.42 14.93 -2.92
N ASN A 342 -8.92 15.13 -1.69
CA ASN A 342 -8.13 14.90 -0.51
C ASN A 342 -8.59 13.57 0.10
N ALA A 343 -7.83 12.48 -0.08
CA ALA A 343 -8.29 11.16 0.38
C ALA A 343 -7.48 10.68 1.59
N ALA A 344 -8.18 10.10 2.56
CA ALA A 344 -7.62 9.44 3.76
C ALA A 344 -7.74 7.92 3.56
N TYR A 345 -6.63 7.21 3.79
CA TYR A 345 -6.60 5.78 3.57
C TYR A 345 -6.45 5.09 4.90
N VAL A 346 -7.28 4.04 5.13
CA VAL A 346 -7.14 3.29 6.37
C VAL A 346 -5.78 2.58 6.34
N HIS A 347 -4.99 2.80 7.40
CA HIS A 347 -3.65 2.24 7.53
C HIS A 347 -3.75 1.07 8.50
N TYR A 348 -2.81 0.95 9.44
CA TYR A 348 -2.93 -0.12 10.45
C TYR A 348 -3.80 0.32 11.61
N TYR A 349 -4.33 -0.69 12.33
CA TYR A 349 -5.16 -0.47 13.51
C TYR A 349 -5.12 -1.73 14.36
N ALA A 350 -5.65 -1.63 15.58
CA ALA A 350 -5.89 -2.82 16.41
C ALA A 350 -6.94 -2.44 17.45
N ALA A 351 -7.95 -3.28 17.61
CA ALA A 351 -8.93 -3.05 18.65
C ALA A 351 -8.91 -4.22 19.62
N THR A 352 -8.83 -3.88 20.92
CA THR A 352 -8.92 -4.89 21.97
C THR A 352 -10.06 -4.55 22.94
N SER A 353 -10.58 -3.33 22.94
CA SER A 353 -11.52 -2.95 23.99
C SER A 353 -12.87 -2.56 23.42
N ILE A 354 -12.90 -2.27 22.12
CA ILE A 354 -14.17 -1.82 21.57
C ILE A 354 -14.34 -2.50 20.22
N PRO A 355 -15.57 -2.59 19.68
CA PRO A 355 -15.76 -3.22 18.39
C PRO A 355 -15.02 -2.41 17.33
N LEU A 356 -14.50 -3.10 16.32
CA LEU A 356 -13.79 -2.41 15.24
C LEU A 356 -14.65 -1.33 14.58
N HIS A 357 -15.96 -1.55 14.35
CA HIS A 357 -16.75 -0.50 13.75
C HIS A 357 -16.75 0.78 14.59
N GLN A 358 -16.73 0.66 15.95
CA GLN A 358 -16.74 1.83 16.81
C GLN A 358 -15.38 2.57 16.79
N LEU A 359 -14.31 1.80 16.62
CA LEU A 359 -12.98 2.40 16.47
C LEU A 359 -12.88 3.19 15.15
N ILE A 360 -13.28 2.54 14.07
CA ILE A 360 -13.11 3.15 12.75
C ILE A 360 -14.11 4.29 12.54
N LEU A 361 -15.26 4.29 13.23
CA LEU A 361 -16.12 5.45 13.12
C LEU A 361 -15.39 6.72 13.54
N ASP A 362 -14.56 6.59 14.59
CA ASP A 362 -13.76 7.71 15.04
C ASP A 362 -12.72 8.10 13.99
N LEU A 363 -12.18 7.15 13.25
CA LEU A 363 -11.30 7.48 12.14
C LEU A 363 -12.05 8.33 11.11
N LEU A 364 -13.28 7.95 10.75
CA LEU A 364 -14.00 8.77 9.79
C LEU A 364 -14.31 10.15 10.38
N ILE A 365 -14.65 10.22 11.67
CA ILE A 365 -15.00 11.49 12.31
C ILE A 365 -13.78 12.42 12.26
N VAL A 366 -12.63 11.85 12.64
CA VAL A 366 -11.40 12.65 12.60
C VAL A 366 -11.04 13.09 11.18
N ALA A 367 -11.09 12.16 10.22
CA ALA A 367 -10.72 12.51 8.85
C ALA A 367 -11.65 13.60 8.31
N HIS A 368 -12.95 13.51 8.62
CA HIS A 368 -13.88 14.50 8.08
C HIS A 368 -13.58 15.86 8.73
N SER A 369 -13.31 15.86 10.04
CA SER A 369 -12.99 17.06 10.81
CA SER A 369 -13.05 17.11 10.74
C SER A 369 -11.76 17.75 10.22
N ARG A 370 -10.83 16.94 9.74
CA ARG A 370 -9.59 17.51 9.25
C ARG A 370 -9.68 17.86 7.78
N GLY A 371 -10.85 17.75 7.15
CA GLY A 371 -11.01 18.22 5.79
C GLY A 371 -10.73 17.21 4.68
N PHE A 372 -10.70 15.91 5.00
CA PHE A 372 -10.69 14.88 3.97
C PHE A 372 -12.04 14.74 3.27
N ASP A 373 -12.00 14.41 1.99
CA ASP A 373 -13.17 14.30 1.13
C ASP A 373 -13.74 12.87 1.11
N VAL A 374 -12.88 11.88 1.35
CA VAL A 374 -13.23 10.48 1.13
C VAL A 374 -12.26 9.67 1.97
N CYS A 375 -12.71 8.48 2.43
CA CYS A 375 -11.84 7.53 3.07
C CYS A 375 -11.81 6.28 2.21
N ASN A 376 -10.58 5.82 1.88
CA ASN A 376 -10.43 4.67 1.01
C ASN A 376 -9.79 3.51 1.80
N MET A 377 -9.99 2.28 1.30
CA MET A 377 -9.30 1.11 1.87
C MET A 377 -9.47 -0.04 0.88
N VAL A 378 -8.66 -1.08 1.03
CA VAL A 378 -8.86 -2.36 0.35
C VAL A 378 -9.42 -3.32 1.39
N GLU A 379 -10.12 -4.38 0.92
CA GLU A 379 -10.73 -5.34 1.85
C GLU A 379 -9.71 -6.32 2.43
N ILE A 380 -8.54 -5.81 2.82
CA ILE A 380 -7.57 -6.61 3.59
C ILE A 380 -7.88 -6.53 5.08
N LEU A 381 -7.01 -7.12 5.91
CA LEU A 381 -7.18 -7.09 7.36
C LEU A 381 -8.62 -7.51 7.73
N ASP A 382 -9.28 -6.81 8.66
CA ASP A 382 -10.70 -7.04 8.93
C ASP A 382 -11.57 -5.91 8.39
N ASN A 383 -11.09 -5.26 7.31
CA ASN A 383 -11.79 -4.13 6.72
C ASN A 383 -13.25 -4.47 6.35
N ARG A 384 -13.55 -5.75 5.97
CA ARG A 384 -14.93 -6.08 5.58
C ARG A 384 -15.86 -5.99 6.77
N SER A 385 -15.33 -6.06 8.01
CA SER A 385 -16.23 -6.11 9.15
CA SER A 385 -16.19 -6.08 9.18
C SER A 385 -16.96 -4.79 9.42
N PHE A 386 -16.52 -3.67 8.83
CA PHE A 386 -17.21 -2.44 9.12
C PHE A 386 -17.74 -1.73 7.88
N VAL A 387 -17.71 -2.41 6.75
CA VAL A 387 -18.12 -1.82 5.48
C VAL A 387 -19.57 -1.36 5.55
N GLU A 388 -20.50 -2.27 5.89
CA GLU A 388 -21.89 -1.83 5.77
C GLU A 388 -22.29 -0.80 6.82
N GLN A 389 -21.95 -1.08 8.09
CA GLN A 389 -22.40 -0.16 9.12
C GLN A 389 -21.81 1.23 8.90
N LEU A 390 -20.56 1.29 8.38
CA LEU A 390 -19.95 2.61 8.26
C LEU A 390 -20.12 3.21 6.87
N LYS A 391 -20.98 2.59 6.05
CA LYS A 391 -21.47 3.13 4.78
C LYS A 391 -20.34 3.24 3.74
N PHE A 392 -19.37 2.32 3.81
CA PHE A 392 -18.46 2.18 2.67
C PHE A 392 -19.19 1.53 1.50
N GLY A 393 -18.77 1.86 0.30
CA GLY A 393 -19.20 1.19 -0.92
C GLY A 393 -18.01 0.64 -1.68
N ALA A 394 -18.16 -0.49 -2.36
CA ALA A 394 -17.14 -1.02 -3.26
C ALA A 394 -16.95 -0.09 -4.46
N GLY A 395 -15.67 0.19 -4.79
CA GLY A 395 -15.29 0.88 -6.01
C GLY A 395 -15.19 -0.10 -7.18
N ASP A 396 -14.74 0.35 -8.34
CA ASP A 396 -14.59 -0.48 -9.54
CA ASP A 396 -14.66 -0.66 -9.39
C ASP A 396 -13.25 -1.19 -9.52
N GLY A 397 -12.37 -0.73 -8.63
CA GLY A 397 -11.01 -1.25 -8.80
C GLY A 397 -10.69 -2.41 -7.87
N HIS A 398 -9.61 -3.10 -8.20
CA HIS A 398 -9.05 -4.11 -7.29
C HIS A 398 -7.58 -3.77 -7.07
N LEU A 399 -7.05 -4.09 -5.90
CA LEU A 399 -5.60 -4.10 -5.71
C LEU A 399 -5.15 -5.56 -5.71
N ARG A 400 -4.15 -5.87 -6.52
CA ARG A 400 -3.64 -7.22 -6.60
C ARG A 400 -2.30 -7.23 -5.91
N TYR A 401 -2.06 -8.31 -5.16
CA TYR A 401 -0.81 -8.51 -4.42
C TYR A 401 0.02 -9.56 -5.15
N TYR A 402 1.32 -9.29 -5.26
CA TYR A 402 2.22 -10.17 -5.98
C TYR A 402 3.50 -10.39 -5.20
N PHE A 403 4.12 -11.56 -5.39
CA PHE A 403 5.50 -11.72 -4.95
C PHE A 403 6.40 -11.92 -6.17
N TYR A 404 7.66 -11.50 -6.03
CA TYR A 404 8.69 -11.80 -7.01
C TYR A 404 9.55 -12.92 -6.42
N ASN A 405 9.71 -14.03 -7.17
CA ASN A 405 10.56 -15.15 -6.76
C ASN A 405 10.01 -15.81 -5.50
N TRP A 406 8.70 -16.04 -5.43
CA TRP A 406 8.16 -16.68 -4.25
C TRP A 406 6.89 -17.39 -4.62
N ALA A 407 6.94 -18.72 -4.58
CA ALA A 407 5.76 -19.50 -4.89
C ALA A 407 4.84 -19.43 -3.68
N TYR A 408 3.53 -19.17 -3.89
CA TYR A 408 2.62 -18.94 -2.77
C TYR A 408 1.22 -19.35 -3.19
N PRO A 409 0.45 -20.05 -2.32
CA PRO A 409 -0.93 -20.43 -2.64
C PRO A 409 -1.79 -19.18 -2.76
N LYS A 410 -2.82 -19.24 -3.61
CA LYS A 410 -3.82 -18.19 -3.64
CA LYS A 410 -3.81 -18.18 -3.64
C LYS A 410 -4.45 -18.10 -2.25
N ILE A 411 -4.58 -16.87 -1.72
CA ILE A 411 -5.25 -16.64 -0.47
C ILE A 411 -6.30 -15.55 -0.68
N LYS A 412 -7.20 -15.49 0.28
CA LYS A 412 -8.24 -14.45 0.27
C LYS A 412 -7.65 -13.14 0.76
N PRO A 413 -8.16 -11.98 0.35
CA PRO A 413 -7.59 -10.73 0.84
C PRO A 413 -7.73 -10.54 2.34
N SER A 414 -8.69 -11.21 2.95
CA SER A 414 -8.86 -11.10 4.40
C SER A 414 -7.77 -11.91 5.14
N GLN A 415 -6.85 -12.55 4.43
CA GLN A 415 -5.71 -13.18 5.08
CA GLN A 415 -5.70 -13.25 4.97
C GLN A 415 -4.43 -12.40 4.80
N VAL A 416 -4.58 -11.14 4.30
CA VAL A 416 -3.42 -10.30 4.00
C VAL A 416 -3.45 -9.13 4.98
N ALA A 417 -2.29 -8.82 5.58
CA ALA A 417 -2.17 -7.79 6.62
C ALA A 417 -1.12 -6.76 6.24
N LEU A 418 -0.64 -6.78 4.99
CA LEU A 418 0.30 -5.77 4.51
C LEU A 418 -0.40 -4.59 3.81
N VAL A 419 -0.27 -3.39 4.38
CA VAL A 419 -0.82 -2.17 3.75
C VAL A 419 0.22 -1.62 2.79
N MET A 420 -0.15 -1.34 1.53
CA MET A 420 0.85 -0.78 0.65
C MET A 420 0.44 0.65 0.30
N LEU A 421 1.40 1.56 0.39
CA LEU A 421 1.13 2.99 0.29
C LEU A 421 0.89 3.39 -1.17
S1 MYA B . 2.18 -0.37 -9.62
C2 MYA B . 2.12 1.34 -10.28
C3 MYA B . 2.66 1.31 -11.69
N4 MYA B . 2.76 2.67 -12.21
C5 MYA B . 1.80 3.25 -12.95
O5 MYA B . 0.76 2.65 -13.30
C6 MYA B . 2.12 4.67 -13.34
C7 MYA B . 1.65 5.10 -14.78
N8 MYA B . 2.10 4.10 -15.77
C9 MYA B . 3.39 4.05 -16.11
O9 MYA B . 4.21 4.85 -15.58
C10 MYA B . 3.85 3.03 -17.11
O10 MYA B . 2.69 2.66 -17.86
C11 MYA B . 4.44 1.72 -16.53
C12 MYA B . 4.61 0.70 -17.64
C13 MYA B . 3.51 1.11 -15.44
C14 MYA B . 5.78 2.05 -15.88
N1A MYA B . 3.95 -3.50 -12.88
O1A MYA B . 7.89 0.18 -20.62
P1A MYA B . 6.85 -0.67 -21.18
C1X MYA B . 4.66 -4.47 -17.88
C2A MYA B . 4.81 -4.38 -13.47
O2A MYA B . 6.81 -0.78 -22.68
P2A MYA B . 5.02 1.33 -20.15
C2M MYA B . 3.75 -0.43 -8.93
O2M MYA B . 4.42 0.59 -8.79
C2X MYA B . 3.78 -4.97 -19.02
O2X MYA B . 3.02 -6.13 -18.66
N3A MYA B . 4.86 -4.53 -14.83
O3A MYA B . 5.35 -0.14 -20.65
C3M MYA B . 4.24 -1.81 -8.64
C3X MYA B . 4.86 -5.25 -20.01
O3X MYA B . 5.46 -6.54 -19.80
P3X MYA B . 5.06 -7.83 -20.67
C4A MYA B . 4.04 -3.74 -15.59
O4A MYA B . 3.54 1.41 -20.20
C4M MYA B . 5.39 -2.14 -9.64
C4X MYA B . 5.87 -4.18 -19.78
O4X MYA B . 5.59 -3.60 -18.47
C5A MYA B . 3.19 -2.83 -15.02
O5A MYA B . 5.80 2.40 -20.82
C5M MYA B . 5.91 -3.59 -9.48
C5X MYA B . 5.80 -3.11 -20.85
O5X MYA B . 6.75 -2.10 -20.54
C6A MYA B . 3.15 -2.72 -13.63
N6A MYA B . 2.32 -1.81 -13.02
O6A MYA B . 5.47 1.33 -18.60
C6M MYA B . 7.02 -3.77 -10.54
N7A MYA B . 2.50 -2.18 -16.03
O7A MYA B . 3.56 -8.03 -20.45
C7M MYA B . 7.58 -5.21 -10.49
C8A MYA B . 2.97 -2.68 -17.21
O8A MYA B . 5.40 -7.39 -22.06
C8M MYA B . 8.61 -5.31 -9.36
N9A MYA B . 3.89 -3.65 -16.92
O9A MYA B . 5.76 -9.04 -20.07
C9M MYA B . 9.22 -6.74 -9.41
CAM MYA B . 10.20 -6.98 -8.20
CBM MYA B . 11.55 -6.34 -8.55
CCM MYA B . 12.56 -6.50 -7.37
CDM MYA B . 13.01 -7.98 -7.16
CEM MYA B . 13.99 -8.07 -5.96
CFM MYA B . 14.16 -9.55 -5.52
S DMS C . -8.45 7.85 -8.24
O DMS C . -7.58 8.88 -7.55
C1 DMS C . -7.38 6.69 -8.83
C2 DMS C . -9.43 7.14 -7.03
MG MG D . 8.59 2.51 -22.01
C1 HXW E . -2.84 2.90 -5.82
C1 HXW E . -2.79 2.81 -5.45
C2 HXW E . -1.51 3.66 -5.87
C2 HXW E . -1.79 3.76 -6.16
C3 HXW E . -0.32 2.84 -6.38
C3 HXW E . -0.93 2.97 -7.10
N1 HXW E . -0.39 1.62 -5.60
N1 HXW E . -0.44 1.81 -6.34
C7 HXW E . -5.09 3.57 -5.17
C7 HXW E . -5.10 3.58 -5.05
C6 HXW E . -2.60 1.57 -5.12
C6 HXW E . -2.05 2.03 -4.37
N2 HXW E . -5.45 2.84 -6.25
N2 HXW E . -5.43 2.88 -6.14
C5 HXW E . -1.53 0.77 -5.85
C5 HXW E . -0.80 1.34 -4.97
C4 HXW E . 0.59 1.21 -4.60
C4 HXW E . 0.55 1.03 -7.08
C8 HXW E . -6.73 2.67 -6.62
C8 HXW E . -6.68 2.70 -6.58
C9 HXW E . -8.37 1.77 -8.29
C9 HXW E . -8.27 1.75 -8.22
N4 HXW E . -2.40 1.05 -9.17
N4 HXW E . -2.09 0.90 -9.39
C14 HXW E . -3.55 1.42 -9.06
C14 HXW E . -3.25 1.30 -9.20
C13 HXW E . -4.85 2.14 -8.82
C13 HXW E . -4.66 1.89 -9.02
C12 HXW E . -5.96 1.17 -8.44
C12 HXW E . -5.82 1.09 -8.31
C11 HXW E . -6.68 0.63 -9.68
C11 HXW E . -6.69 0.23 -9.28
C10 HXW E . -8.15 1.02 -9.59
C10 HXW E . -8.02 0.91 -9.46
N3 HXW E . -7.01 1.92 -7.75
N3 HXW E . -6.91 1.92 -7.69
C15 HXW E . -7.74 3.31 -5.77
C15 HXW E . -7.71 3.33 -5.75
C18 HXW E . -7.32 4.08 -4.63
C18 HXW E . -7.34 4.12 -4.63
C17 HXW E . -8.41 4.67 -3.87
C17 HXW E . -8.45 4.70 -3.91
C16 HXW E . -9.66 4.34 -4.45
C16 HXW E . -9.69 4.37 -4.54
S HXW E . -9.43 3.34 -5.88
S HXW E . -9.42 3.35 -5.91
N5 HXW E . -5.98 4.19 -4.35
N5 HXW E . -5.99 4.25 -4.28
N HXW E . -3.72 3.64 -4.93
N HXW E . -3.75 3.66 -4.74
C HXW E . -3.20 4.44 -3.83
C HXW E . -3.31 4.60 -3.72
#